data_7FH9
#
_entry.id   7FH9
#
_cell.length_a   87.239
_cell.length_b   87.239
_cell.length_c   87.747
_cell.angle_alpha   90.000
_cell.angle_beta   90.000
_cell.angle_gamma   120.000
#
_symmetry.space_group_name_H-M   'P 63 2 2'
#
loop_
_entity.id
_entity.type
_entity.pdbx_description
1 polymer 'CMP/dCMP-type deaminase domain-containing protein'
2 non-polymer "THYMIDINE-5'-TRIPHOSPHATE"
3 non-polymer "THYMIDINE-5'-PHOSPHATE"
4 non-polymer 'ZINC ION'
5 non-polymer 'MAGNESIUM ION'
6 water water
#
_entity_poly.entity_id   1
_entity_poly.type   'polypeptide(L)'
_entity_poly.pdbx_seq_one_letter_code
;MSKAEKFYSLACYHAQLFSKDPNTKVAALVIDNNNNIASVGYNGLPRGFEETSDRWEKPMKYNYVVHAQANAIATAARNG
VRLDGCSIITTLFPCKECSKLIIQSGIRKVITSKPCKDSSWLESFSFSNEMFDECGIEVEYL
;
_entity_poly.pdbx_strand_id   A
#
loop_
_chem_comp.id
_chem_comp.type
_chem_comp.name
_chem_comp.formula
MG non-polymer 'MAGNESIUM ION' 'Mg 2'
TMP non-polymer THYMIDINE-5'-PHOSPHATE 'C10 H15 N2 O8 P'
TTP non-polymer THYMIDINE-5'-TRIPHOSPHATE 'C10 H17 N2 O14 P3'
ZN non-polymer 'ZINC ION' 'Zn 2'
#
# COMPACT_ATOMS: atom_id res chain seq x y z
N LYS A 3 10.96 15.71 -3.07
CA LYS A 3 11.38 14.44 -2.46
C LYS A 3 10.24 13.43 -2.43
N ALA A 4 9.00 13.90 -2.18
CA ALA A 4 7.86 13.00 -2.25
C ALA A 4 7.77 12.36 -3.63
N GLU A 5 8.04 13.13 -4.69
CA GLU A 5 7.94 12.57 -6.03
C GLU A 5 9.08 11.58 -6.29
N LYS A 6 10.26 11.86 -5.75
CA LYS A 6 11.37 10.91 -5.89
C LYS A 6 11.07 9.59 -5.18
N PHE A 7 10.47 9.65 -3.99
CA PHE A 7 10.11 8.40 -3.33
C PHE A 7 9.00 7.69 -4.10
N TYR A 8 8.07 8.44 -4.68
CA TYR A 8 7.02 7.78 -5.46
C TYR A 8 7.62 7.07 -6.67
N SER A 9 8.60 7.71 -7.31
CA SER A 9 9.29 7.07 -8.43
C SER A 9 9.96 5.78 -7.98
N LEU A 10 10.60 5.79 -6.80
CA LEU A 10 11.23 4.58 -6.29
C LEU A 10 10.21 3.50 -6.00
N ALA A 11 9.05 3.89 -5.47
CA ALA A 11 7.97 2.93 -5.23
C ALA A 11 7.55 2.25 -6.52
N CYS A 12 7.36 3.04 -7.59
CA CYS A 12 7.02 2.44 -8.88
C CYS A 12 8.09 1.43 -9.30
N TYR A 13 9.37 1.77 -9.13
CA TYR A 13 10.42 0.85 -9.53
C TYR A 13 10.40 -0.41 -8.66
N HIS A 14 10.19 -0.24 -7.35
CA HIS A 14 10.05 -1.39 -6.44
C HIS A 14 8.98 -2.36 -6.94
N ALA A 15 7.81 -1.84 -7.29
CA ALA A 15 6.74 -2.72 -7.75
C ALA A 15 7.16 -3.48 -9.00
N GLN A 16 7.77 -2.77 -9.97
CA GLN A 16 8.17 -3.41 -11.22
C GLN A 16 9.22 -4.48 -10.98
N LEU A 17 10.14 -4.26 -10.03
CA LEU A 17 11.22 -5.20 -9.80
C LEU A 17 10.77 -6.42 -9.00
N PHE A 18 9.95 -6.23 -7.97
CA PHE A 18 9.70 -7.28 -6.98
C PHE A 18 8.33 -7.95 -7.08
N SER A 19 7.29 -7.25 -7.54
CA SER A 19 5.97 -7.88 -7.54
C SER A 19 5.86 -8.96 -8.60
N LYS A 20 5.35 -10.12 -8.21
CA LYS A 20 5.17 -11.24 -9.15
C LYS A 20 3.80 -11.26 -9.80
N ASP A 21 2.92 -10.32 -9.47
CA ASP A 21 1.58 -10.32 -10.08
C ASP A 21 1.70 -10.10 -11.58
N PRO A 22 1.12 -10.96 -12.41
CA PRO A 22 1.31 -10.83 -13.87
C PRO A 22 0.50 -9.71 -14.51
N ASN A 23 -0.50 -9.16 -13.81
CA ASN A 23 -1.34 -8.09 -14.34
C ASN A 23 -1.02 -6.72 -13.76
N THR A 24 -0.96 -6.60 -12.43
CA THR A 24 -0.87 -5.31 -11.76
C THR A 24 0.13 -5.40 -10.62
N LYS A 25 1.20 -4.61 -10.69
CA LYS A 25 2.23 -4.58 -9.66
C LYS A 25 2.05 -3.33 -8.83
N VAL A 26 2.09 -3.47 -7.49
CA VAL A 26 1.80 -2.39 -6.56
C VAL A 26 2.88 -2.37 -5.49
N ALA A 27 3.34 -1.18 -5.11
CA ALA A 27 4.26 -1.06 -3.99
C ALA A 27 3.94 0.19 -3.16
N ALA A 28 4.43 0.16 -1.93
CA ALA A 28 4.24 1.28 -1.01
C ALA A 28 5.48 1.38 -0.14
N LEU A 29 5.95 2.62 0.05
CA LEU A 29 7.07 2.93 0.94
C LEU A 29 6.54 3.74 2.11
N VAL A 30 6.85 3.28 3.34
CA VAL A 30 6.53 4.02 4.55
C VAL A 30 7.79 4.80 4.92
N ILE A 31 7.67 6.13 4.95
CA ILE A 31 8.80 7.04 5.11
C ILE A 31 8.64 7.81 6.42
N ASP A 32 9.71 7.86 7.23
CA ASP A 32 9.60 8.56 8.49
C ASP A 32 9.96 10.04 8.32
N ASN A 33 9.93 10.79 9.43
CA ASN A 33 10.14 12.23 9.38
C ASN A 33 11.58 12.63 9.11
N ASN A 34 12.53 11.68 9.16
CA ASN A 34 13.88 11.95 8.72
C ASN A 34 14.14 11.45 7.31
N ASN A 35 13.08 11.11 6.57
CA ASN A 35 13.14 10.61 5.20
C ASN A 35 13.84 9.25 5.09
N ASN A 36 13.82 8.47 6.17
CA ASN A 36 14.30 7.09 6.17
C ASN A 36 13.18 6.17 5.74
N ILE A 37 13.50 5.15 4.95
CA ILE A 37 12.47 4.17 4.51
C ILE A 37 12.25 3.21 5.67
N ALA A 38 11.13 3.34 6.37
CA ALA A 38 10.84 2.49 7.53
C ALA A 38 10.40 1.10 7.09
N SER A 39 9.64 1.00 6.00
CA SER A 39 9.11 -0.29 5.59
C SER A 39 8.73 -0.24 4.12
N VAL A 40 8.79 -1.39 3.47
CA VAL A 40 8.34 -1.52 2.08
C VAL A 40 7.32 -2.64 2.00
N GLY A 41 6.24 -2.39 1.26
CA GLY A 41 5.28 -3.42 0.92
C GLY A 41 5.12 -3.50 -0.59
N TYR A 42 4.84 -4.71 -1.08
CA TYR A 42 4.40 -4.88 -2.46
C TYR A 42 3.43 -6.05 -2.48
N ASN A 43 2.56 -6.08 -3.49
CA ASN A 43 1.55 -7.12 -3.51
C ASN A 43 2.18 -8.47 -3.82
N GLY A 44 1.72 -9.51 -3.12
CA GLY A 44 2.35 -10.80 -3.28
C GLY A 44 1.64 -11.85 -2.44
N LEU A 45 2.13 -13.09 -2.57
CA LEU A 45 1.59 -14.17 -1.77
C LEU A 45 2.36 -14.25 -0.46
N PRO A 46 1.83 -14.94 0.56
CA PRO A 46 2.56 -14.98 1.83
C PRO A 46 3.95 -15.58 1.68
N ARG A 47 4.87 -15.09 2.52
CA ARG A 47 6.29 -15.52 2.50
C ARG A 47 6.40 -17.05 2.60
N GLY A 48 7.06 -17.67 1.63
CA GLY A 48 7.26 -19.11 1.61
C GLY A 48 6.15 -19.92 0.99
N PHE A 49 5.01 -19.31 0.66
CA PHE A 49 3.92 -20.02 0.00
C PHE A 49 4.32 -20.28 -1.45
N GLU A 50 4.14 -21.53 -1.91
CA GLU A 50 4.60 -21.89 -3.25
C GLU A 50 3.83 -21.06 -4.29
N GLU A 51 4.56 -20.31 -5.10
CA GLU A 51 3.95 -19.35 -6.02
C GLU A 51 3.76 -19.99 -7.40
N THR A 52 2.83 -20.92 -7.47
CA THR A 52 2.58 -21.61 -8.73
C THR A 52 1.86 -20.70 -9.71
N SER A 53 1.96 -21.05 -10.99
CA SER A 53 1.22 -20.31 -12.01
C SER A 53 -0.27 -20.30 -11.71
N ASP A 54 -0.81 -21.45 -11.27
CA ASP A 54 -2.24 -21.54 -10.95
C ASP A 54 -2.63 -20.59 -9.81
N ARG A 55 -1.77 -20.44 -8.80
CA ARG A 55 -2.12 -19.58 -7.68
C ARG A 55 -2.08 -18.11 -8.03
N TRP A 56 -1.40 -17.72 -9.10
CA TRP A 56 -1.32 -16.32 -9.51
C TRP A 56 -2.34 -15.96 -10.60
N GLU A 57 -3.10 -16.92 -11.11
CA GLU A 57 -4.17 -16.66 -12.06
C GLU A 57 -5.38 -16.05 -11.33
N LYS A 58 -6.23 -15.39 -12.11
CA LYS A 58 -7.51 -14.88 -11.60
C LYS A 58 -8.59 -15.91 -11.87
N PRO A 59 -9.52 -16.10 -10.93
CA PRO A 59 -9.71 -15.43 -9.64
C PRO A 59 -8.96 -16.07 -8.46
N MET A 60 -8.17 -17.12 -8.73
CA MET A 60 -7.63 -17.90 -7.62
C MET A 60 -6.70 -17.04 -6.76
N LYS A 61 -5.97 -16.10 -7.38
CA LYS A 61 -4.97 -15.34 -6.63
C LYS A 61 -5.57 -14.54 -5.49
N TYR A 62 -6.84 -14.16 -5.58
CA TYR A 62 -7.41 -13.33 -4.50
C TYR A 62 -7.54 -14.09 -3.19
N ASN A 63 -7.56 -15.42 -3.22
CA ASN A 63 -7.56 -16.19 -1.99
C ASN A 63 -6.24 -16.12 -1.24
N TYR A 64 -5.15 -15.72 -1.90
CA TYR A 64 -3.83 -15.79 -1.32
C TYR A 64 -3.08 -14.47 -1.29
N VAL A 65 -3.47 -13.48 -2.10
CA VAL A 65 -2.64 -12.29 -2.27
C VAL A 65 -2.83 -11.33 -1.10
N VAL A 66 -1.76 -10.59 -0.80
CA VAL A 66 -1.74 -9.53 0.21
C VAL A 66 -1.52 -8.21 -0.52
N HIS A 67 -2.31 -7.19 -0.18
CA HIS A 67 -2.13 -5.86 -0.76
C HIS A 67 -0.80 -5.25 -0.33
N ALA A 68 -0.27 -4.37 -1.18
CA ALA A 68 1.04 -3.77 -0.89
C ALA A 68 1.02 -2.98 0.42
N GLN A 69 -0.04 -2.20 0.67
CA GLN A 69 -0.02 -1.34 1.85
C GLN A 69 -0.20 -2.16 3.12
N ALA A 70 -1.13 -3.13 3.11
CA ALA A 70 -1.19 -4.10 4.20
C ALA A 70 0.15 -4.77 4.44
N ASN A 71 0.83 -5.20 3.36
CA ASN A 71 2.12 -5.86 3.51
C ASN A 71 3.16 -4.95 4.16
N ALA A 72 3.16 -3.67 3.81
CA ALA A 72 4.12 -2.75 4.40
C ALA A 72 3.94 -2.68 5.91
N ILE A 73 2.69 -2.72 6.37
CA ILE A 73 2.39 -2.62 7.78
C ILE A 73 2.72 -3.93 8.49
N ALA A 74 2.28 -5.06 7.92
CA ALA A 74 2.60 -6.35 8.51
C ALA A 74 4.10 -6.60 8.53
N THR A 75 4.82 -6.16 7.50
CA THR A 75 6.27 -6.32 7.48
C THR A 75 6.93 -5.50 8.59
N ALA A 76 6.41 -4.30 8.87
CA ALA A 76 6.96 -3.51 9.95
C ALA A 76 6.73 -4.19 11.30
N ALA A 77 5.57 -4.81 11.49
CA ALA A 77 5.33 -5.56 12.72
C ALA A 77 6.31 -6.72 12.86
N ARG A 78 6.55 -7.46 11.76
CA ARG A 78 7.55 -8.52 11.79
C ARG A 78 8.92 -7.99 12.20
N ASN A 79 9.34 -6.86 11.62
CA ASN A 79 10.67 -6.32 11.88
C ASN A 79 10.74 -5.47 13.13
N GLY A 80 9.60 -5.13 13.74
CA GLY A 80 9.60 -4.25 14.90
C GLY A 80 9.98 -2.83 14.57
N VAL A 81 9.49 -2.29 13.45
CA VAL A 81 9.80 -0.93 13.02
C VAL A 81 8.58 -0.06 13.33
N ARG A 82 8.80 1.06 14.02
CA ARG A 82 7.71 1.93 14.47
C ARG A 82 7.19 2.78 13.32
N LEU A 83 5.90 2.65 13.01
CA LEU A 83 5.29 3.42 11.93
C LEU A 83 4.52 4.64 12.40
N ASP A 84 4.35 4.83 13.71
CA ASP A 84 3.59 5.97 14.21
C ASP A 84 4.21 7.28 13.71
N GLY A 85 3.38 8.14 13.11
CA GLY A 85 3.85 9.40 12.58
C GLY A 85 4.45 9.37 11.18
N CYS A 86 4.56 8.20 10.56
CA CYS A 86 5.16 8.11 9.24
C CYS A 86 4.16 8.46 8.14
N SER A 87 4.70 8.60 6.92
CA SER A 87 3.92 8.78 5.71
C SER A 87 4.04 7.53 4.85
N ILE A 88 2.99 7.20 4.10
CA ILE A 88 3.03 6.07 3.20
C ILE A 88 2.91 6.60 1.77
N ILE A 89 3.88 6.28 0.94
CA ILE A 89 3.88 6.70 -0.46
C ILE A 89 3.59 5.45 -1.27
N THR A 90 2.44 5.44 -1.95
CA THR A 90 1.94 4.23 -2.57
C THR A 90 1.63 4.46 -4.05
N THR A 91 1.86 3.41 -4.86
CA THR A 91 1.53 3.51 -6.28
C THR A 91 0.03 3.38 -6.55
N LEU A 92 -0.78 3.10 -5.54
CA LEU A 92 -2.22 2.96 -5.74
C LEU A 92 -2.93 3.43 -4.48
N PHE A 93 -3.97 4.24 -4.64
CA PHE A 93 -4.71 4.71 -3.47
C PHE A 93 -5.30 3.51 -2.72
N PRO A 94 -5.24 3.51 -1.39
CA PRO A 94 -5.60 2.30 -0.64
C PRO A 94 -7.07 1.95 -0.72
N CYS A 95 -7.34 0.65 -0.70
CA CYS A 95 -8.70 0.16 -0.56
C CYS A 95 -9.22 0.45 0.85
N LYS A 96 -10.51 0.17 1.05
CA LYS A 96 -11.15 0.45 2.34
C LYS A 96 -10.47 -0.28 3.49
N GLU A 97 -10.10 -1.55 3.28
CA GLU A 97 -9.50 -2.30 4.39
C GLU A 97 -8.08 -1.83 4.69
N CYS A 98 -7.29 -1.57 3.67
CA CYS A 98 -5.94 -1.05 3.91
C CYS A 98 -5.99 0.32 4.55
N SER A 99 -7.00 1.14 4.23
CA SER A 99 -7.13 2.45 4.89
C SER A 99 -7.31 2.29 6.40
N LYS A 100 -8.10 1.31 6.82
CA LYS A 100 -8.25 1.04 8.25
C LYS A 100 -6.90 0.69 8.87
N LEU A 101 -6.13 -0.18 8.22
CA LEU A 101 -4.85 -0.61 8.78
C LEU A 101 -3.85 0.54 8.81
N ILE A 102 -3.89 1.41 7.80
CA ILE A 102 -3.06 2.61 7.77
C ILE A 102 -3.32 3.46 9.01
N ILE A 103 -4.61 3.68 9.33
CA ILE A 103 -4.95 4.45 10.52
C ILE A 103 -4.44 3.75 11.77
N GLN A 104 -4.64 2.43 11.85
CA GLN A 104 -4.28 1.70 13.06
C GLN A 104 -2.78 1.65 13.26
N SER A 105 -1.99 1.68 12.19
CA SER A 105 -0.54 1.66 12.29
C SER A 105 0.06 3.01 12.67
N GLY A 106 -0.74 4.06 12.79
CA GLY A 106 -0.22 5.36 13.17
C GLY A 106 0.31 6.20 12.02
N ILE A 107 0.24 5.71 10.78
CA ILE A 107 0.60 6.52 9.62
C ILE A 107 -0.30 7.76 9.55
N ARG A 108 0.31 8.91 9.27
CA ARG A 108 -0.41 10.19 9.34
C ARG A 108 -0.67 10.80 7.97
N LYS A 109 -0.17 10.20 6.89
CA LYS A 109 -0.26 10.84 5.59
C LYS A 109 -0.12 9.79 4.49
N VAL A 110 -0.96 9.91 3.47
CA VAL A 110 -0.96 9.06 2.29
C VAL A 110 -0.60 9.94 1.10
N ILE A 111 0.44 9.55 0.36
CA ILE A 111 0.86 10.26 -0.85
C ILE A 111 0.78 9.29 -2.02
N THR A 112 0.02 9.64 -3.05
CA THR A 112 -0.16 8.76 -4.19
C THR A 112 -0.61 9.60 -5.39
N SER A 113 -0.93 8.94 -6.49
CA SER A 113 -1.54 9.63 -7.62
C SER A 113 -3.05 9.55 -7.51
N LYS A 114 -3.72 10.50 -8.16
CA LYS A 114 -5.18 10.55 -8.15
C LYS A 114 -5.75 9.35 -8.90
N PRO A 115 -6.65 8.56 -8.28
CA PRO A 115 -7.24 7.42 -8.98
C PRO A 115 -8.02 7.87 -10.21
N CYS A 116 -7.98 7.03 -11.24
CA CYS A 116 -8.82 7.22 -12.41
C CYS A 116 -10.29 7.03 -12.03
N LYS A 117 -11.17 7.74 -12.74
CA LYS A 117 -12.60 7.64 -12.46
C LYS A 117 -13.07 6.21 -12.70
N ASP A 118 -13.61 5.58 -11.65
CA ASP A 118 -14.09 4.20 -11.72
C ASP A 118 -15.27 4.08 -10.75
N SER A 119 -16.49 4.03 -11.30
CA SER A 119 -17.68 4.08 -10.45
C SER A 119 -17.79 2.88 -9.52
N SER A 120 -17.24 1.73 -9.92
CA SER A 120 -17.28 0.56 -9.05
C SER A 120 -16.46 0.75 -7.78
N TRP A 121 -15.54 1.72 -7.75
CA TRP A 121 -14.73 2.01 -6.57
C TRP A 121 -15.16 3.27 -5.83
N LEU A 122 -16.19 3.97 -6.30
CA LEU A 122 -16.60 5.22 -5.66
C LEU A 122 -16.95 4.99 -4.18
N GLU A 123 -17.74 3.95 -3.90
CA GLU A 123 -18.15 3.68 -2.52
C GLU A 123 -16.93 3.45 -1.61
N SER A 124 -16.03 2.57 -2.04
CA SER A 124 -14.84 2.26 -1.27
C SER A 124 -13.99 3.52 -1.04
N PHE A 125 -13.72 4.26 -2.13
CA PHE A 125 -12.97 5.51 -2.06
C PHE A 125 -13.62 6.48 -1.07
N SER A 126 -14.94 6.55 -1.06
CA SER A 126 -15.63 7.47 -0.16
C SER A 126 -15.46 7.06 1.30
N PHE A 127 -15.52 5.76 1.58
CA PHE A 127 -15.32 5.28 2.95
C PHE A 127 -13.88 5.54 3.42
N SER A 128 -12.89 5.24 2.58
CA SER A 128 -11.51 5.52 2.95
C SER A 128 -11.30 6.99 3.29
N ASN A 129 -11.84 7.89 2.47
CA ASN A 129 -11.62 9.31 2.72
C ASN A 129 -12.42 9.81 3.91
N GLU A 130 -13.59 9.22 4.17
CA GLU A 130 -14.34 9.57 5.36
C GLU A 130 -13.54 9.23 6.62
N MET A 131 -12.94 8.04 6.66
CA MET A 131 -12.13 7.64 7.81
C MET A 131 -10.87 8.49 7.92
N PHE A 132 -10.18 8.72 6.79
CA PHE A 132 -8.96 9.53 6.79
C PHE A 132 -9.25 10.95 7.29
N ASP A 133 -10.32 11.58 6.78
CA ASP A 133 -10.65 12.94 7.18
C ASP A 133 -10.92 13.02 8.69
N GLU A 134 -11.68 12.05 9.21
CA GLU A 134 -12.08 12.10 10.60
C GLU A 134 -10.93 11.74 11.53
N CYS A 135 -10.05 10.83 11.11
CA CYS A 135 -8.99 10.31 11.97
C CYS A 135 -7.67 11.07 11.83
N GLY A 136 -7.63 12.12 10.99
CA GLY A 136 -6.47 12.96 10.90
C GLY A 136 -5.39 12.51 9.92
N ILE A 137 -5.75 11.77 8.88
CA ILE A 137 -4.79 11.33 7.88
C ILE A 137 -4.88 12.27 6.69
N GLU A 138 -3.78 12.93 6.36
CA GLU A 138 -3.73 13.81 5.20
C GLU A 138 -3.52 12.98 3.94
N VAL A 139 -4.21 13.38 2.86
CA VAL A 139 -4.06 12.76 1.55
C VAL A 139 -3.44 13.78 0.61
N GLU A 140 -2.34 13.42 -0.02
CA GLU A 140 -1.67 14.31 -0.96
C GLU A 140 -1.48 13.59 -2.28
N TYR A 141 -1.97 14.22 -3.35
CA TYR A 141 -1.90 13.66 -4.69
C TYR A 141 -0.77 14.34 -5.46
N LEU A 142 0.07 13.54 -6.09
CA LEU A 142 1.18 14.06 -6.89
C LEU A 142 0.68 14.38 -8.30
PA TTP B . 8.51 -12.65 -1.93
O1A TTP B . 9.18 -11.74 -2.89
O2A TTP B . 7.48 -13.61 -2.44
O3A TTP B . 9.62 -13.47 -1.12
PB TTP B . 9.62 -14.92 -0.43
O1B TTP B . 10.24 -14.80 0.92
O2B TTP B . 8.26 -15.52 -0.58
O3B TTP B . 10.64 -15.70 -1.39
PG TTP B . 10.53 -16.20 -2.92
O1G TTP B . 9.05 -16.23 -3.25
O2G TTP B . 11.28 -15.18 -3.75
O3G TTP B . 11.17 -17.57 -2.97
O5' TTP B . 7.85 -11.77 -0.75
C5' TTP B . 7.16 -12.46 0.33
C4' TTP B . 5.91 -11.70 0.68
O4' TTP B . 6.23 -10.64 1.60
C3' TTP B . 5.21 -11.04 -0.50
O3' TTP B . 3.81 -11.01 -0.30
C2' TTP B . 5.79 -9.64 -0.49
C1' TTP B . 5.97 -9.38 0.99
N1 TTP B . 7.12 -8.49 1.31
C2 TTP B . 6.85 -7.16 1.59
O2 TTP B . 5.72 -6.69 1.58
N3 TTP B . 7.96 -6.41 1.88
C4 TTP B . 9.27 -6.83 1.92
O4 TTP B . 10.17 -6.03 2.19
C5 TTP B . 9.48 -8.23 1.62
C5M TTP B . 10.88 -8.78 1.64
C6 TTP B . 8.40 -8.98 1.34
P TMP C . -5.78 -7.47 -11.03
O1P TMP C . -5.35 -6.15 -11.63
O2P TMP C . -5.54 -8.64 -11.96
O3P TMP C . -7.19 -7.44 -10.47
O5' TMP C . -4.80 -7.71 -9.76
C5' TMP C . -4.63 -6.64 -8.80
C4' TMP C . -3.41 -6.93 -7.96
O4' TMP C . -3.08 -5.76 -7.17
C3' TMP C . -3.57 -8.08 -6.96
O3' TMP C . -2.34 -8.75 -6.77
C2' TMP C . -3.99 -7.35 -5.69
C1' TMP C . -3.22 -6.04 -5.78
N1 TMP C . -3.90 -4.89 -5.16
C2 TMP C . -3.24 -4.19 -4.18
O2 TMP C . -2.10 -4.49 -3.80
N3 TMP C . -3.93 -3.14 -3.64
C4 TMP C . -5.20 -2.72 -3.99
O4 TMP C . -5.70 -1.75 -3.42
C5 TMP C . -5.85 -3.49 -5.03
C5M TMP C . -7.23 -3.10 -5.47
C6 TMP C . -5.18 -4.53 -5.55
ZN ZN D . -5.89 -2.80 0.18
MG MG E . 7.35 -15.74 -2.29
#